data_5LWW
#
_entry.id   5LWW
#
_cell.length_a   88.446
_cell.length_b   128.158
_cell.length_c   134.676
_cell.angle_alpha   90.00
_cell.angle_beta   90.00
_cell.angle_gamma   90.00
#
_symmetry.space_group_name_H-M   'I 2 2 2'
#
loop_
_entity.id
_entity.type
_entity.pdbx_description
1 polymer 'Multicopper oxidase'
2 branched 2-acetamido-2-deoxy-beta-D-glucopyranose-(1-4)-2-acetamido-2-deoxy-beta-D-glucopyranose
3 branched beta-D-mannopyranose-(1-4)-2-acetamido-2-deoxy-beta-D-glucopyranose
4 branched alpha-D-mannopyranose-(1-6)-beta-D-mannopyranose-(1-4)-2-acetamido-2-deoxy-beta-D-glucopyranose-(1-4)-2-acetamido-2-deoxy-beta-D-glucopyranose
5 non-polymer 2-acetamido-2-deoxy-beta-D-glucopyranose
6 non-polymer alpha-D-mannopyranose
7 non-polymer 'COPPER (II) ION'
8 non-polymer 'ZINC ION'
9 non-polymer 'POTASSIUM ION'
10 non-polymer 'CHLORIDE ION'
11 non-polymer 'ACETATE ION'
12 non-polymer GLYCEROL
13 water water
#
_entity_poly.entity_id   1
_entity_poly.type   'polypeptide(L)'
_entity_poly.pdbx_seq_one_letter_code
;PNTPWQGYDINTNYYETIPQTNVVREYWFDIVNTTAALDGVERPVLLVNGQFPGPTIEANWGDTVKVHVTNRMENNGTAI
HFHGIRQLYNNQMDGVAALTQCPVPPNSSYTYVWRAEEYGSSWYHSHFSLQAWEGVFGGILIHGPSTAEYDHDLGMVFLN
DWSHQTVDEMYQSVLESQNPPHFQTGLINGSNIWVTADNQTVGRRFQTEFVPGQRYRLRLVNAAMHTHFRFSIDNHDLTV
IASDFVPIVPFTTNNVPIGMGQRYDIIVTANQAPDNYWIRAIPQSFCSDNANSDNIKGVLHYEGAADNSDPTSTKWDYGD
DIQCLDFSLDELVPWLALDADIGGAQMAESDVDFTPFGDVPLYLWTMGGNALNISWKDPTLQQTFEDPDKMDWKASQGVI
EAAIPNKWTVLVVQTDLPVPHPIHLHGHDFYLLAQGFGQFNPQNVTLKTHNPPRRDTALMTAATPENGGGGYMVIGFPAD
NPGVWLIHCHIGFHATEGFAQQIVERQSEFNTFFSEDLLENTCDAWDEYAKVNPYGHQYRALAGPYESGI
;
_entity_poly.pdbx_strand_id   A
#
# COMPACT_ATOMS: atom_id res chain seq x y z
N PRO A 1 30.27 0.37 8.73
CA PRO A 1 31.59 0.95 8.40
C PRO A 1 31.56 2.47 8.44
N ASN A 2 31.35 3.05 9.61
CA ASN A 2 31.07 4.49 9.73
C ASN A 2 29.59 4.83 9.48
N THR A 3 28.76 3.79 9.48
CA THR A 3 27.32 3.92 9.32
C THR A 3 26.63 3.80 10.67
N PRO A 4 25.36 4.23 10.74
CA PRO A 4 24.53 4.08 11.95
C PRO A 4 24.11 2.63 12.22
N TRP A 5 24.34 1.74 11.25
CA TRP A 5 24.18 0.29 11.45
C TRP A 5 25.50 -0.49 11.41
N GLN A 6 26.59 0.10 11.94
CA GLN A 6 27.92 -0.58 11.95
C GLN A 6 27.77 -1.94 12.62
N GLY A 7 28.39 -2.92 12.00
CA GLY A 7 28.35 -4.27 12.50
C GLY A 7 27.29 -5.14 11.87
N TYR A 8 26.58 -4.61 10.86
CA TYR A 8 25.55 -5.35 10.10
C TYR A 8 25.74 -4.96 8.63
N ASP A 9 25.29 -5.81 7.70
CA ASP A 9 25.24 -5.41 6.27
C ASP A 9 23.99 -5.87 5.54
N ILE A 10 24.11 -6.00 4.23
CA ILE A 10 23.05 -6.49 3.39
C ILE A 10 22.69 -7.96 3.64
N ASN A 11 23.54 -8.67 4.39
CA ASN A 11 23.42 -10.13 4.48
C ASN A 11 22.83 -10.60 5.80
N THR A 12 22.70 -9.65 6.75
CA THR A 12 22.02 -9.83 8.06
C THR A 12 20.57 -10.22 7.92
N ASN A 13 20.15 -11.23 8.66
CA ASN A 13 18.76 -11.63 8.61
C ASN A 13 17.87 -10.67 9.44
N TYR A 14 17.39 -9.59 8.79
CA TYR A 14 16.51 -8.57 9.42
C TYR A 14 15.22 -9.10 10.02
N TYR A 15 14.87 -10.36 9.74
CA TYR A 15 13.74 -10.99 10.41
C TYR A 15 14.12 -11.46 11.81
N GLU A 16 15.44 -11.56 12.06
CA GLU A 16 15.98 -12.15 13.32
C GLU A 16 16.88 -11.21 14.11
N THR A 17 17.47 -10.28 13.36
CA THR A 17 18.47 -9.41 13.90
C THR A 17 18.12 -7.95 13.60
N ILE A 18 18.04 -7.16 14.66
CA ILE A 18 17.70 -5.74 14.61
C ILE A 18 18.82 -4.99 15.31
N PRO A 19 19.47 -4.03 14.64
CA PRO A 19 20.46 -3.15 15.29
C PRO A 19 19.90 -2.33 16.47
N GLN A 20 20.55 -2.37 17.62
CA GLN A 20 20.09 -1.63 18.78
C GLN A 20 20.81 -0.28 18.78
N THR A 21 20.16 0.75 18.23
CA THR A 21 20.73 2.10 18.21
C THR A 21 20.30 2.94 19.40
N ASN A 22 19.27 2.47 20.11
CA ASN A 22 18.67 3.21 21.22
C ASN A 22 18.31 4.64 20.86
N VAL A 23 17.88 4.86 19.61
CA VAL A 23 17.50 6.21 19.21
C VAL A 23 16.01 6.26 18.88
N VAL A 24 15.31 7.19 19.52
CA VAL A 24 13.92 7.47 19.19
C VAL A 24 13.75 8.61 18.19
N ARG A 25 13.15 8.33 17.05
CA ARG A 25 12.68 9.41 16.16
C ARG A 25 11.24 9.73 16.56
N GLU A 26 10.88 11.00 16.51
CA GLU A 26 9.60 11.41 17.00
C GLU A 26 8.91 12.43 16.08
N TYR A 27 7.66 12.14 15.73
CA TYR A 27 6.88 12.95 14.79
C TYR A 27 5.58 13.37 15.41
N TRP A 28 5.16 14.61 15.15
CA TRP A 28 3.80 15.03 15.52
C TRP A 28 2.94 15.34 14.26
N PHE A 29 1.96 14.48 14.03
CA PHE A 29 1.06 14.60 12.88
C PHE A 29 -0.33 15.06 13.25
N ASP A 30 -0.72 16.22 12.74
CA ASP A 30 -2.08 16.68 12.90
C ASP A 30 -2.78 16.38 11.57
N ILE A 31 -3.78 15.50 11.62
CA ILE A 31 -4.55 15.12 10.43
C ILE A 31 -5.63 16.18 10.14
N VAL A 32 -5.51 16.90 9.03
CA VAL A 32 -6.35 18.07 8.81
C VAL A 32 -7.31 18.04 7.60
N ASN A 33 -8.40 18.80 7.69
CA ASN A 33 -9.39 18.97 6.62
C ASN A 33 -9.22 20.34 5.96
N THR A 34 -9.01 20.33 4.64
CA THR A 34 -8.61 21.53 3.98
C THR A 34 -8.83 21.46 2.47
N THR A 35 -7.96 22.19 1.76
CA THR A 35 -8.06 22.44 0.33
C THR A 35 -6.70 22.51 -0.39
N ALA A 36 -6.63 22.05 -1.64
CA ALA A 36 -5.33 21.99 -2.28
C ALA A 36 -5.44 22.00 -3.79
N ALA A 37 -4.48 22.61 -4.49
CA ALA A 37 -4.57 22.71 -5.96
C ALA A 37 -3.47 21.96 -6.68
N LEU A 38 -3.43 20.66 -6.49
CA LEU A 38 -2.25 19.88 -6.80
C LEU A 38 -1.88 19.90 -8.28
N ASP A 39 -2.88 20.10 -9.12
CA ASP A 39 -2.59 20.39 -10.51
C ASP A 39 -3.19 21.72 -10.88
N GLY A 40 -3.28 22.61 -9.91
CA GLY A 40 -3.89 23.90 -10.15
C GLY A 40 -5.41 23.95 -10.19
N VAL A 41 -6.10 22.84 -9.94
CA VAL A 41 -7.56 22.90 -9.69
C VAL A 41 -7.81 22.69 -8.20
N GLU A 42 -8.49 23.65 -7.59
CA GLU A 42 -8.88 23.55 -6.20
C GLU A 42 -9.99 22.49 -5.92
N ARG A 43 -9.82 21.76 -4.84
CA ARG A 43 -10.75 20.72 -4.37
C ARG A 43 -10.37 20.35 -2.94
N PRO A 44 -11.32 19.77 -2.18
CA PRO A 44 -10.99 19.35 -0.81
C PRO A 44 -9.97 18.21 -0.77
N VAL A 45 -9.21 18.17 0.30
CA VAL A 45 -8.28 17.09 0.57
C VAL A 45 -8.22 16.94 2.08
N LEU A 46 -7.90 15.73 2.54
CA LEU A 46 -7.55 15.56 3.92
C LEU A 46 -6.04 15.32 4.01
N LEU A 47 -5.34 16.03 4.90
CA LEU A 47 -3.88 16.03 4.91
C LEU A 47 -3.17 15.88 6.26
N VAL A 48 -1.97 15.29 6.22
CA VAL A 48 -1.07 15.31 7.35
C VAL A 48 -0.39 16.68 7.39
N ASN A 49 -0.66 17.45 8.43
CA ASN A 49 -0.16 18.83 8.54
C ASN A 49 -0.23 19.69 7.29
N GLY A 50 -1.25 19.58 6.45
CA GLY A 50 -1.32 20.52 5.29
C GLY A 50 -0.43 20.25 4.06
N GLN A 51 0.44 19.26 4.16
CA GLN A 51 1.31 18.90 3.05
C GLN A 51 0.79 17.71 2.28
N PHE A 52 1.01 17.74 0.97
CA PHE A 52 0.75 16.61 0.07
C PHE A 52 2.09 16.28 -0.54
N PRO A 53 2.36 14.97 -0.66
CA PRO A 53 2.98 14.00 0.23
C PRO A 53 3.04 14.53 1.66
N GLY A 54 2.46 13.74 2.57
CA GLY A 54 2.59 14.00 3.98
C GLY A 54 4.06 14.04 4.27
N PRO A 55 4.47 14.70 5.35
CA PRO A 55 5.88 14.75 5.63
C PRO A 55 6.36 13.31 5.76
N THR A 56 7.63 13.04 5.46
CA THR A 56 8.17 11.67 5.47
C THR A 56 8.61 11.26 6.85
N ILE A 57 8.32 10.02 7.26
CA ILE A 57 8.94 9.48 8.48
C ILE A 57 10.33 8.94 8.14
N GLU A 58 11.38 9.60 8.65
CA GLU A 58 12.78 9.19 8.43
C GLU A 58 13.31 8.52 9.67
N ALA A 59 13.96 7.39 9.47
CA ALA A 59 14.52 6.64 10.57
C ALA A 59 15.76 5.94 10.07
N ASN A 60 16.64 5.54 11.00
CA ASN A 60 17.74 4.60 10.67
C ASN A 60 17.40 3.20 11.11
N TRP A 61 17.83 2.22 10.32
CA TRP A 61 17.59 0.82 10.64
C TRP A 61 17.83 0.51 12.12
N GLY A 62 16.78 0.08 12.80
CA GLY A 62 16.88 -0.29 14.21
C GLY A 62 16.32 0.67 15.25
N ASP A 63 15.89 1.87 14.80
CA ASP A 63 15.44 2.98 15.66
C ASP A 63 14.07 2.67 16.14
N THR A 64 13.68 3.31 17.23
CA THR A 64 12.29 3.37 17.59
C THR A 64 11.71 4.64 16.95
N VAL A 65 10.49 4.51 16.42
CA VAL A 65 9.81 5.61 15.79
C VAL A 65 8.51 5.77 16.58
N LYS A 66 8.20 7.04 16.89
CA LYS A 66 7.04 7.39 17.69
C LYS A 66 6.25 8.47 16.95
N VAL A 67 5.06 8.14 16.44
CA VAL A 67 4.24 9.08 15.68
C VAL A 67 3.04 9.47 16.53
N HIS A 68 3.01 10.74 16.96
CA HIS A 68 1.90 11.26 17.72
C HIS A 68 0.88 11.68 16.65
N VAL A 69 -0.27 11.00 16.57
CA VAL A 69 -1.31 11.39 15.61
C VAL A 69 -2.50 12.08 16.30
N THR A 70 -2.83 13.30 15.86
CA THR A 70 -4.03 14.02 16.36
C THR A 70 -5.03 14.30 15.27
N ASN A 71 -6.31 14.07 15.57
CA ASN A 71 -7.37 14.26 14.62
C ASN A 71 -7.93 15.65 14.78
N ARG A 72 -7.73 16.47 13.77
CA ARG A 72 -8.22 17.82 13.79
C ARG A 72 -9.26 18.06 12.72
N MET A 73 -9.88 16.97 12.23
CA MET A 73 -10.97 17.08 11.25
C MET A 73 -12.23 17.22 12.07
N GLU A 74 -13.38 17.33 11.41
CA GLU A 74 -14.65 17.51 12.10
C GLU A 74 -15.59 16.28 11.86
N ASN A 75 -15.53 15.69 10.67
CA ASN A 75 -16.44 14.60 10.28
C ASN A 75 -15.82 13.25 9.87
N ASN A 76 -14.53 13.03 10.10
CA ASN A 76 -13.97 11.70 9.94
C ASN A 76 -13.33 11.29 11.20
N GLY A 77 -13.34 9.99 11.47
CA GLY A 77 -12.37 9.45 12.42
C GLY A 77 -11.06 9.20 11.67
N THR A 78 -10.07 8.66 12.38
CA THR A 78 -8.75 8.39 11.79
C THR A 78 -8.05 7.17 12.45
N ALA A 79 -7.10 6.58 11.76
CA ALA A 79 -6.31 5.48 12.30
C ALA A 79 -5.18 5.37 11.29
N ILE A 80 -3.93 5.22 11.74
CA ILE A 80 -2.82 5.36 10.79
C ILE A 80 -1.95 4.14 10.80
N HIS A 81 -1.75 3.59 9.60
CA HIS A 81 -1.07 2.32 9.38
C HIS A 81 0.30 2.63 8.76
N PHE A 82 1.30 1.90 9.20
CA PHE A 82 2.63 2.05 8.68
C PHE A 82 2.80 0.82 7.78
N HIS A 83 2.57 1.03 6.50
CA HIS A 83 2.56 -0.05 5.53
C HIS A 83 3.93 -0.80 5.46
N GLY A 84 3.91 -2.14 5.56
CA GLY A 84 5.14 -2.91 5.41
C GLY A 84 5.96 -3.03 6.69
N ILE A 85 5.65 -2.20 7.68
CA ILE A 85 6.21 -2.28 9.02
C ILE A 85 5.64 -3.53 9.70
N ARG A 86 6.54 -4.36 10.23
CA ARG A 86 6.22 -5.71 10.65
C ARG A 86 5.37 -5.74 11.92
N GLN A 87 5.62 -4.78 12.81
CA GLN A 87 4.92 -4.75 14.09
C GLN A 87 5.09 -6.03 14.92
N LEU A 88 6.31 -6.58 14.94
CA LEU A 88 6.58 -7.80 15.68
C LEU A 88 6.25 -7.61 17.15
N TYR A 89 5.35 -8.46 17.66
CA TYR A 89 4.79 -8.34 19.01
C TYR A 89 4.51 -6.90 19.28
N ASN A 90 3.81 -6.28 18.32
CA ASN A 90 3.42 -4.87 18.36
C ASN A 90 2.09 -4.59 17.58
N ASN A 91 1.34 -5.65 17.32
CA ASN A 91 0.07 -5.59 16.61
C ASN A 91 -0.79 -4.36 16.84
N GLN A 92 -0.83 -3.85 18.06
CA GLN A 92 -1.85 -2.89 18.43
C GLN A 92 -1.45 -1.51 17.92
N MET A 93 -0.25 -1.42 17.37
CA MET A 93 0.23 -0.19 16.75
C MET A 93 0.12 -0.18 15.22
N ASP A 94 -0.55 -1.17 14.66
CA ASP A 94 -0.59 -1.36 13.23
C ASP A 94 -1.65 -0.42 12.63
N GLY A 95 -2.57 0.06 13.46
CA GLY A 95 -3.50 1.14 13.05
C GLY A 95 -4.62 0.78 12.06
N VAL A 96 -5.16 -0.44 12.15
CA VAL A 96 -6.32 -0.83 11.36
C VAL A 96 -7.59 -0.68 12.21
N ALA A 97 -8.34 0.41 12.02
CA ALA A 97 -9.68 0.55 12.60
C ALA A 97 -10.47 -0.73 12.41
N ALA A 98 -11.24 -1.13 13.42
CA ALA A 98 -12.04 -2.39 13.39
C ALA A 98 -11.25 -3.67 13.66
N LEU A 99 -9.92 -3.59 13.63
CA LEU A 99 -9.06 -4.72 14.06
C LEU A 99 -8.34 -4.42 15.35
N THR A 100 -7.36 -3.54 15.26
CA THR A 100 -6.42 -3.33 16.34
C THR A 100 -6.75 -2.14 17.23
N GLN A 101 -7.73 -1.33 16.84
CA GLN A 101 -8.13 -0.14 17.61
C GLN A 101 -9.51 0.39 17.17
N CYS A 102 -10.13 1.25 18.00
CA CYS A 102 -11.27 2.06 17.49
C CYS A 102 -10.72 3.26 16.75
N PRO A 103 -11.52 3.86 15.86
CA PRO A 103 -11.00 5.06 15.19
C PRO A 103 -10.77 6.23 16.17
N VAL A 104 -9.68 6.97 15.96
CA VAL A 104 -9.43 8.14 16.73
C VAL A 104 -10.35 9.27 16.25
N PRO A 105 -11.27 9.78 17.12
CA PRO A 105 -12.21 10.88 16.79
C PRO A 105 -11.56 12.26 16.81
N PRO A 106 -12.19 13.25 16.16
CA PRO A 106 -11.66 14.65 16.18
C PRO A 106 -11.26 15.13 17.59
N ASN A 107 -10.13 15.84 17.68
CA ASN A 107 -9.60 16.36 18.96
C ASN A 107 -9.03 15.31 19.90
N SER A 108 -8.93 14.06 19.48
CA SER A 108 -8.23 13.08 20.28
C SER A 108 -6.97 12.63 19.56
N SER A 109 -6.13 11.88 20.24
CA SER A 109 -4.88 11.46 19.69
C SER A 109 -4.62 10.00 19.98
N TYR A 110 -3.57 9.51 19.32
CA TYR A 110 -3.10 8.18 19.45
C TYR A 110 -1.64 8.31 19.11
N THR A 111 -0.79 7.75 19.97
CA THR A 111 0.66 7.78 19.76
C THR A 111 1.08 6.40 19.28
N TYR A 112 1.62 6.32 18.06
CA TYR A 112 2.07 5.04 17.55
C TYR A 112 3.54 4.83 17.93
N VAL A 113 3.83 3.72 18.62
CA VAL A 113 5.25 3.38 18.92
C VAL A 113 5.59 2.05 18.24
N TRP A 114 6.55 2.12 17.31
CA TRP A 114 6.95 0.92 16.56
C TRP A 114 8.46 0.88 16.32
N ARG A 115 9.00 -0.31 16.06
CA ARG A 115 10.42 -0.43 15.89
C ARG A 115 10.72 -0.50 14.39
N ALA A 116 11.79 0.18 13.96
CA ALA A 116 12.27 0.08 12.55
C ALA A 116 13.06 -1.24 12.28
N GLU A 117 12.31 -2.33 12.15
CA GLU A 117 12.93 -3.64 12.06
C GLU A 117 13.05 -4.17 10.61
N GLU A 118 13.24 -3.23 9.68
CA GLU A 118 13.45 -3.48 8.25
C GLU A 118 14.17 -2.23 7.85
N TYR A 119 14.67 -2.18 6.63
CA TYR A 119 15.22 -0.96 6.09
C TYR A 119 14.74 -0.88 4.63
N GLY A 120 14.46 0.32 4.17
CA GLY A 120 13.97 0.47 2.79
C GLY A 120 12.96 1.58 2.70
N SER A 121 12.02 1.40 1.79
CA SER A 121 11.03 2.42 1.49
C SER A 121 9.61 1.91 1.64
N SER A 122 8.77 2.74 2.24
CA SER A 122 7.35 2.45 2.30
C SER A 122 6.64 3.79 2.52
N TRP A 123 5.49 3.69 3.20
CA TRP A 123 4.61 4.82 3.44
C TRP A 123 3.63 4.46 4.58
N TYR A 124 3.09 5.50 5.23
CA TYR A 124 2.03 5.41 6.21
C TYR A 124 0.81 6.00 5.53
N HIS A 125 -0.38 5.58 5.90
CA HIS A 125 -1.56 6.21 5.33
C HIS A 125 -2.71 5.80 6.20
N SER A 126 -3.89 6.36 5.97
CA SER A 126 -5.02 5.99 6.78
C SER A 126 -5.50 4.61 6.45
N HIS A 127 -5.94 3.94 7.50
CA HIS A 127 -6.66 2.73 7.28
C HIS A 127 -8.03 3.03 7.86
N PHE A 128 -8.64 4.12 7.41
CA PHE A 128 -9.96 4.43 7.89
C PHE A 128 -10.81 4.84 6.70
N SER A 129 -11.57 3.87 6.17
CA SER A 129 -12.43 4.12 5.03
C SER A 129 -11.58 4.58 3.82
N LEU A 130 -12.08 5.58 3.07
CA LEU A 130 -11.42 6.12 1.85
C LEU A 130 -10.30 7.17 2.06
N GLN A 131 -9.97 7.40 3.33
CA GLN A 131 -9.17 8.55 3.79
C GLN A 131 -7.74 8.58 3.34
N ALA A 132 -7.13 7.42 3.17
CA ALA A 132 -5.77 7.40 2.64
C ALA A 132 -5.78 8.10 1.32
N TRP A 133 -6.84 7.90 0.54
CA TRP A 133 -6.98 8.48 -0.81
C TRP A 133 -7.53 9.92 -0.88
N GLU A 134 -7.84 10.51 0.28
CA GLU A 134 -8.14 11.93 0.34
C GLU A 134 -6.82 12.68 0.52
N GLY A 135 -5.75 11.96 0.82
CA GLY A 135 -4.43 12.55 0.99
C GLY A 135 -3.76 12.28 2.34
N VAL A 136 -4.35 11.45 3.19
CA VAL A 136 -3.70 11.19 4.45
C VAL A 136 -2.67 10.06 4.32
N PHE A 137 -1.53 10.42 3.75
CA PHE A 137 -0.44 9.48 3.54
C PHE A 137 0.88 10.24 3.41
N GLY A 138 2.00 9.53 3.53
CA GLY A 138 3.31 10.14 3.48
C GLY A 138 4.32 9.01 3.45
N GLY A 139 5.55 9.30 3.11
CA GLY A 139 6.47 8.20 2.91
C GLY A 139 7.12 7.76 4.19
N ILE A 140 7.63 6.52 4.16
CA ILE A 140 8.55 5.99 5.19
C ILE A 140 9.89 5.61 4.56
N LEU A 141 10.94 6.33 4.96
CA LEU A 141 12.29 6.05 4.49
C LEU A 141 13.18 5.61 5.65
N ILE A 142 13.50 4.31 5.74
CA ILE A 142 14.34 3.75 6.82
C ILE A 142 15.72 3.44 6.25
N HIS A 143 16.73 4.22 6.68
CA HIS A 143 18.06 4.13 6.11
C HIS A 143 18.65 2.80 6.55
N GLY A 144 19.33 2.13 5.62
CA GLY A 144 20.03 0.88 5.86
C GLY A 144 20.92 0.50 4.68
N PRO A 145 21.48 -0.72 4.71
CA PRO A 145 22.27 -1.25 3.59
C PRO A 145 21.54 -1.25 2.23
N SER A 146 22.33 -1.26 1.16
CA SER A 146 21.82 -1.21 -0.21
C SER A 146 22.43 -2.38 -0.99
N THR A 147 21.84 -2.85 -2.07
CA THR A 147 22.46 -3.94 -2.84
C THR A 147 23.20 -3.42 -4.06
N ALA A 148 23.30 -2.10 -4.17
CA ALA A 148 24.07 -1.41 -5.23
C ALA A 148 24.31 -0.01 -4.73
N GLU A 149 25.36 0.61 -5.22
CA GLU A 149 25.73 1.93 -4.78
C GLU A 149 25.19 3.03 -5.70
N TYR A 150 24.99 4.21 -5.12
CA TYR A 150 24.45 5.36 -5.83
C TYR A 150 25.08 6.56 -5.12
N ASP A 151 24.82 7.76 -5.63
CA ASP A 151 25.48 8.96 -5.10
C ASP A 151 24.58 9.86 -4.28
N HIS A 152 23.28 9.85 -4.61
CA HIS A 152 22.31 10.73 -4.01
C HIS A 152 20.95 10.07 -3.90
N ASP A 153 20.39 10.20 -2.73
CA ASP A 153 19.10 9.66 -2.39
C ASP A 153 18.06 10.78 -2.50
N LEU A 154 17.30 10.76 -3.61
CA LEU A 154 16.21 11.72 -3.90
C LEU A 154 14.90 11.53 -3.12
N GLY A 155 14.88 10.46 -2.30
CA GLY A 155 13.76 10.07 -1.49
C GLY A 155 12.55 9.52 -2.25
N MET A 156 11.44 9.53 -1.55
CA MET A 156 10.17 9.13 -2.06
C MET A 156 9.83 9.78 -3.39
N VAL A 157 9.24 8.98 -4.27
CA VAL A 157 8.57 9.50 -5.45
C VAL A 157 7.23 8.80 -5.52
N PHE A 158 6.15 9.55 -5.22
CA PHE A 158 4.79 8.99 -5.13
C PHE A 158 4.08 9.10 -6.47
N LEU A 159 3.35 8.07 -6.86
CA LEU A 159 2.55 8.15 -8.10
C LEU A 159 1.07 8.00 -7.80
N ASN A 160 0.24 9.03 -7.97
CA ASN A 160 -1.18 8.80 -7.67
C ASN A 160 -1.99 8.90 -8.94
N ASP A 161 -3.17 8.29 -8.97
CA ASP A 161 -4.17 8.78 -9.90
C ASP A 161 -4.86 9.91 -9.15
N TRP A 162 -5.64 10.70 -9.87
CA TRP A 162 -6.24 11.90 -9.30
C TRP A 162 -7.51 12.29 -10.00
N SER A 163 -8.49 12.77 -9.26
CA SER A 163 -9.71 13.32 -9.82
C SER A 163 -9.97 14.67 -9.21
N HIS A 164 -10.71 15.52 -9.89
CA HIS A 164 -11.11 16.81 -9.28
C HIS A 164 -12.35 16.71 -8.44
N GLN A 165 -13.11 15.63 -8.61
CA GLN A 165 -14.08 15.23 -7.62
C GLN A 165 -13.46 14.26 -6.66
N THR A 166 -13.96 14.31 -5.43
CA THR A 166 -13.37 13.59 -4.29
C THR A 166 -13.61 12.08 -4.40
N VAL A 167 -12.65 11.30 -3.91
CA VAL A 167 -12.82 9.87 -3.82
C VAL A 167 -14.08 9.54 -3.01
N ASP A 168 -14.37 10.33 -1.96
CA ASP A 168 -15.65 10.22 -1.24
C ASP A 168 -16.87 10.72 -2.06
N GLU A 169 -16.69 11.76 -2.89
CA GLU A 169 -17.79 12.24 -3.72
C GLU A 169 -18.16 11.13 -4.73
N MET A 170 -17.18 10.48 -5.34
CA MET A 170 -17.48 9.43 -6.32
C MET A 170 -17.89 8.07 -5.71
N TYR A 171 -17.69 7.86 -4.42
CA TYR A 171 -17.93 6.56 -3.82
C TYR A 171 -19.26 5.96 -4.11
N GLN A 172 -20.34 6.75 -3.99
CA GLN A 172 -21.72 6.22 -4.12
C GLN A 172 -22.07 5.74 -5.55
N SER A 173 -21.44 6.35 -6.55
CA SER A 173 -21.69 5.98 -7.92
C SER A 173 -20.82 4.79 -8.20
N VAL A 174 -19.64 4.71 -7.60
CA VAL A 174 -18.87 3.46 -7.70
C VAL A 174 -19.64 2.20 -7.25
N LEU A 175 -20.34 2.29 -6.10
CA LEU A 175 -21.04 1.16 -5.45
C LEU A 175 -22.27 0.73 -6.22
N GLU A 176 -22.80 1.62 -7.05
CA GLU A 176 -24.12 1.39 -7.60
C GLU A 176 -24.11 0.94 -9.07
N SER A 177 -22.95 0.45 -9.49
CA SER A 177 -22.59 0.32 -10.88
C SER A 177 -21.49 -0.74 -10.89
N GLN A 178 -21.25 -1.41 -12.00
CA GLN A 178 -20.31 -2.52 -11.95
C GLN A 178 -19.05 -2.12 -12.67
N ASN A 179 -19.12 -1.01 -13.39
CA ASN A 179 -17.94 -0.43 -14.06
C ASN A 179 -17.00 0.29 -13.10
N PRO A 180 -15.70 0.31 -13.44
CA PRO A 180 -14.66 0.89 -12.57
C PRO A 180 -14.82 2.38 -12.40
N PRO A 181 -14.15 2.97 -11.40
CA PRO A 181 -14.09 4.43 -11.27
C PRO A 181 -13.30 5.09 -12.39
N HIS A 182 -13.71 6.30 -12.78
CA HIS A 182 -13.03 7.10 -13.80
C HIS A 182 -12.18 8.23 -13.19
N PHE A 183 -10.88 8.25 -13.48
CA PHE A 183 -9.98 9.31 -12.99
C PHE A 183 -9.51 10.24 -14.10
N GLN A 184 -9.67 11.53 -13.89
CA GLN A 184 -9.35 12.53 -14.90
C GLN A 184 -7.88 12.55 -15.22
N THR A 185 -7.05 12.25 -14.22
CA THR A 185 -5.63 12.60 -14.25
C THR A 185 -4.76 11.77 -13.23
N GLY A 186 -3.50 12.18 -13.05
CA GLY A 186 -2.60 11.56 -12.08
C GLY A 186 -1.66 12.64 -11.58
N LEU A 187 -0.92 12.33 -10.52
CA LEU A 187 0.15 13.18 -10.09
C LEU A 187 1.38 12.35 -9.76
N ILE A 188 2.55 12.89 -10.12
CA ILE A 188 3.84 12.44 -9.66
C ILE A 188 4.30 13.31 -8.47
N ASN A 189 4.57 12.66 -7.35
CA ASN A 189 4.86 13.32 -6.04
C ASN A 189 3.95 14.50 -5.71
N GLY A 190 2.69 14.44 -6.14
CA GLY A 190 1.75 15.50 -5.86
C GLY A 190 1.63 16.68 -6.83
N SER A 191 2.36 16.65 -7.94
CA SER A 191 2.16 17.64 -9.00
C SER A 191 1.70 17.03 -10.31
N ASN A 192 0.98 17.83 -11.09
CA ASN A 192 0.86 17.65 -12.53
C ASN A 192 0.41 18.96 -13.17
N ILE A 193 0.47 19.09 -14.49
CA ILE A 193 -0.22 20.24 -15.07
C ILE A 193 -1.64 19.80 -15.26
N TRP A 194 -2.46 20.75 -15.67
CA TRP A 194 -3.83 20.46 -16.04
C TRP A 194 -4.21 21.53 -17.02
N VAL A 195 -5.02 21.14 -17.99
CA VAL A 195 -5.52 22.08 -18.94
C VAL A 195 -6.92 21.60 -19.30
N THR A 196 -7.88 22.52 -19.25
CA THR A 196 -9.18 22.35 -19.96
C THR A 196 -9.92 23.65 -20.07
N ALA A 197 -10.85 23.67 -21.05
CA ALA A 197 -11.99 24.62 -21.15
C ALA A 197 -11.62 26.08 -21.40
N ASP A 198 -10.73 26.29 -22.37
CA ASP A 198 -10.05 27.56 -22.58
C ASP A 198 -8.70 27.28 -23.24
N ASN A 199 -8.26 26.02 -23.14
CA ASN A 199 -6.90 25.66 -23.47
C ASN A 199 -5.84 26.34 -22.55
N GLN A 200 -6.27 26.91 -21.41
CA GLN A 200 -5.30 27.44 -20.43
C GLN A 200 -4.66 26.33 -19.59
N THR A 201 -3.37 26.47 -19.28
CA THR A 201 -2.66 25.48 -18.47
C THR A 201 -2.52 25.96 -17.00
N VAL A 202 -2.83 25.06 -16.06
CA VAL A 202 -2.73 25.38 -14.65
C VAL A 202 -1.83 24.32 -14.03
N GLY A 203 -1.31 24.57 -12.81
CA GLY A 203 -0.42 23.65 -12.08
C GLY A 203 1.00 23.57 -12.62
N ARG A 204 1.79 22.62 -12.15
CA ARG A 204 3.10 22.39 -12.80
C ARG A 204 3.54 20.92 -12.68
N ARG A 205 4.45 20.54 -13.56
CA ARG A 205 4.95 19.19 -13.57
C ARG A 205 5.98 19.02 -12.45
N PHE A 206 6.11 17.78 -12.00
CA PHE A 206 7.21 17.33 -11.19
C PHE A 206 8.52 17.61 -11.95
N GLN A 207 9.57 18.05 -11.25
CA GLN A 207 10.94 18.08 -11.83
C GLN A 207 12.02 17.75 -10.79
N THR A 208 12.99 16.94 -11.22
CA THR A 208 14.32 16.85 -10.59
C THR A 208 15.46 17.11 -11.56
N GLU A 209 16.58 17.55 -11.00
CA GLU A 209 17.78 17.86 -11.73
C GLU A 209 18.87 16.86 -11.41
N PHE A 210 19.31 16.14 -12.43
CA PHE A 210 20.48 15.28 -12.31
C PHE A 210 21.67 16.08 -12.82
N VAL A 211 22.73 16.11 -12.02
CA VAL A 211 24.08 16.46 -12.48
C VAL A 211 24.66 15.28 -13.30
N PRO A 212 25.23 15.56 -14.50
CA PRO A 212 25.73 14.48 -15.35
C PRO A 212 26.75 13.56 -14.66
N GLY A 213 26.56 12.25 -14.84
CA GLY A 213 27.49 11.27 -14.31
C GLY A 213 27.13 10.70 -12.95
N GLN A 214 26.16 11.31 -12.29
CA GLN A 214 25.76 10.94 -10.96
C GLN A 214 24.67 9.85 -10.94
N ARG A 215 24.67 9.07 -9.86
CA ARG A 215 23.71 7.99 -9.64
C ARG A 215 22.71 8.38 -8.54
N TYR A 216 21.43 8.34 -8.86
CA TYR A 216 20.34 8.76 -7.94
C TYR A 216 19.46 7.60 -7.48
N ARG A 217 19.06 7.63 -6.22
CA ARG A 217 18.05 6.68 -5.75
C ARG A 217 16.69 7.34 -5.79
N LEU A 218 15.72 6.64 -6.36
CA LEU A 218 14.36 7.10 -6.36
C LEU A 218 13.65 5.95 -5.70
N ARG A 219 12.70 6.25 -4.80
CA ARG A 219 11.92 5.27 -4.04
C ARG A 219 10.43 5.37 -4.41
N LEU A 220 10.02 4.59 -5.42
CA LEU A 220 8.66 4.63 -5.96
C LEU A 220 7.65 4.03 -5.02
N VAL A 221 6.48 4.64 -4.96
CA VAL A 221 5.37 4.19 -4.17
C VAL A 221 4.12 4.41 -5.02
N ASN A 222 3.39 3.34 -5.32
CA ASN A 222 2.10 3.52 -5.96
C ASN A 222 1.01 3.75 -4.89
N ALA A 223 0.61 5.01 -4.75
CA ALA A 223 -0.31 5.47 -3.72
C ALA A 223 -1.68 5.72 -4.28
N ALA A 224 -1.86 5.32 -5.54
CA ALA A 224 -3.06 5.57 -6.31
C ALA A 224 -4.29 4.86 -5.74
N MET A 225 -5.50 5.32 -6.10
CA MET A 225 -6.75 4.67 -5.67
C MET A 225 -7.09 3.42 -6.47
N HIS A 226 -6.89 3.48 -7.77
CA HIS A 226 -7.40 2.45 -8.64
C HIS A 226 -6.63 2.35 -9.93
N THR A 227 -5.32 2.54 -9.85
CA THR A 227 -4.40 2.47 -10.98
C THR A 227 -3.13 1.66 -10.66
N HIS A 228 -2.82 0.70 -11.56
CA HIS A 228 -1.52 0.02 -11.67
C HIS A 228 -0.75 0.86 -12.69
N PHE A 229 0.43 1.35 -12.32
CA PHE A 229 1.23 2.19 -13.22
C PHE A 229 2.41 1.38 -13.74
N ARG A 230 2.92 1.83 -14.87
CA ARG A 230 4.19 1.39 -15.40
C ARG A 230 5.03 2.70 -15.44
N PHE A 231 6.11 2.74 -14.65
CA PHE A 231 7.01 3.91 -14.53
C PHE A 231 8.31 3.75 -15.36
N SER A 232 8.73 4.81 -16.05
CA SER A 232 9.96 4.80 -16.88
C SER A 232 10.56 6.22 -16.95
N ILE A 233 11.78 6.33 -17.43
CA ILE A 233 12.38 7.63 -17.68
C ILE A 233 13.01 7.61 -19.06
N ASP A 234 12.37 8.25 -20.04
CA ASP A 234 12.87 8.27 -21.43
C ASP A 234 14.39 8.26 -21.50
N ASN A 235 14.91 7.40 -22.38
CA ASN A 235 16.36 7.24 -22.66
C ASN A 235 17.22 6.70 -21.54
N HIS A 236 16.68 6.60 -20.32
CA HIS A 236 17.48 6.15 -19.18
C HIS A 236 17.16 4.73 -18.78
N ASP A 237 18.12 4.10 -18.13
CA ASP A 237 17.93 2.77 -17.60
C ASP A 237 17.66 2.86 -16.12
N LEU A 238 16.87 1.89 -15.61
CA LEU A 238 16.51 1.84 -14.17
C LEU A 238 17.00 0.54 -13.54
N THR A 239 17.75 0.64 -12.45
CA THR A 239 18.29 -0.54 -11.76
C THR A 239 17.46 -0.76 -10.49
N VAL A 240 16.57 -1.74 -10.59
CA VAL A 240 15.74 -2.14 -9.47
C VAL A 240 16.68 -2.73 -8.41
N ILE A 241 16.64 -2.22 -7.19
CA ILE A 241 17.52 -2.75 -6.12
C ILE A 241 16.81 -3.26 -4.85
N ALA A 242 15.48 -3.36 -4.88
CA ALA A 242 14.63 -3.69 -3.71
C ALA A 242 13.19 -3.71 -4.15
N SER A 243 12.43 -4.63 -3.61
CA SER A 243 11.01 -4.65 -3.82
C SER A 243 10.38 -4.62 -2.45
N ASP A 244 9.41 -3.75 -2.28
CA ASP A 244 8.90 -3.43 -0.94
C ASP A 244 10.03 -3.24 0.07
N PHE A 245 9.92 -3.80 1.26
CA PHE A 245 11.02 -3.65 2.23
C PHE A 245 12.16 -4.64 2.07
N VAL A 246 12.20 -5.36 0.93
CA VAL A 246 13.16 -6.43 0.75
C VAL A 246 14.22 -6.18 -0.35
N PRO A 247 15.50 -6.02 0.04
CA PRO A 247 16.42 -5.77 -1.05
C PRO A 247 16.66 -7.02 -1.93
N ILE A 248 16.63 -6.81 -3.23
CA ILE A 248 16.84 -7.88 -4.22
C ILE A 248 18.21 -7.72 -4.93
N VAL A 249 18.68 -8.83 -5.53
CA VAL A 249 19.79 -8.80 -6.46
C VAL A 249 19.50 -7.77 -7.58
N PRO A 250 20.32 -6.70 -7.69
CA PRO A 250 20.05 -5.67 -8.71
C PRO A 250 19.76 -6.25 -10.08
N PHE A 251 18.90 -5.56 -10.84
CA PHE A 251 18.72 -5.82 -12.26
C PHE A 251 18.11 -4.61 -12.96
N THR A 252 18.46 -4.45 -14.24
CA THR A 252 18.03 -3.25 -14.97
C THR A 252 16.82 -3.54 -15.83
N THR A 253 16.12 -2.49 -16.20
CA THR A 253 14.95 -2.56 -17.03
C THR A 253 14.62 -1.14 -17.55
N ASN A 254 13.71 -1.09 -18.54
CA ASN A 254 13.09 0.13 -19.16
C ASN A 254 12.03 0.84 -18.30
N ASN A 255 11.26 0.03 -17.57
CA ASN A 255 10.08 0.51 -16.90
C ASN A 255 9.82 -0.34 -15.70
N VAL A 256 9.14 0.23 -14.72
CA VAL A 256 8.86 -0.51 -13.50
C VAL A 256 7.36 -0.64 -13.41
N PRO A 257 6.82 -1.88 -13.52
CA PRO A 257 5.37 -2.06 -13.32
C PRO A 257 5.08 -2.04 -11.83
N ILE A 258 4.26 -1.12 -11.39
CA ILE A 258 4.20 -0.84 -9.94
C ILE A 258 2.76 -0.88 -9.43
N GLY A 259 2.48 -1.87 -8.59
CA GLY A 259 1.13 -2.19 -8.08
C GLY A 259 0.79 -1.31 -6.90
N MET A 260 -0.50 -1.12 -6.66
CA MET A 260 -0.92 -0.26 -5.56
C MET A 260 -0.53 -0.77 -4.15
N GLY A 261 0.24 0.05 -3.43
CA GLY A 261 0.80 -0.32 -2.13
C GLY A 261 2.22 -0.84 -2.21
N GLN A 262 2.67 -1.19 -3.41
CA GLN A 262 4.01 -1.70 -3.59
C GLN A 262 5.03 -0.56 -3.55
N ARG A 263 6.29 -0.90 -3.29
CA ARG A 263 7.39 0.06 -3.48
C ARG A 263 8.47 -0.60 -4.27
N TYR A 264 9.14 0.20 -5.10
CA TYR A 264 10.38 -0.26 -5.71
C TYR A 264 11.47 0.78 -5.46
N ASP A 265 12.65 0.31 -5.04
CA ASP A 265 13.85 1.18 -5.00
C ASP A 265 14.66 1.05 -6.29
N ILE A 266 15.03 2.19 -6.82
CA ILE A 266 15.48 2.35 -8.18
C ILE A 266 16.81 3.15 -8.11
N ILE A 267 17.79 2.76 -8.93
CA ILE A 267 18.98 3.61 -9.09
C ILE A 267 18.98 4.04 -10.56
N VAL A 268 19.14 5.35 -10.76
CA VAL A 268 19.16 5.90 -12.10
C VAL A 268 20.40 6.71 -12.23
N THR A 269 21.08 6.51 -13.37
CA THR A 269 22.40 7.04 -13.68
C THR A 269 22.32 8.12 -14.72
N ALA A 270 22.70 9.34 -14.37
CA ALA A 270 22.76 10.45 -15.35
C ALA A 270 23.88 10.18 -16.35
N ASN A 271 23.57 9.36 -17.35
CA ASN A 271 24.55 8.81 -18.27
C ASN A 271 24.15 9.09 -19.71
N GLN A 272 23.02 9.79 -19.86
CA GLN A 272 22.51 10.22 -21.16
C GLN A 272 22.96 11.66 -21.44
N ALA A 273 22.67 12.14 -22.66
CA ALA A 273 23.13 13.45 -23.13
C ALA A 273 22.43 14.55 -22.35
N PRO A 274 23.17 15.50 -21.73
CA PRO A 274 22.48 16.47 -20.86
C PRO A 274 21.41 17.23 -21.64
N ASP A 275 20.16 16.87 -21.41
CA ASP A 275 19.01 17.37 -22.16
C ASP A 275 17.75 17.26 -21.23
N ASN A 276 16.54 17.28 -21.79
CA ASN A 276 15.33 17.19 -20.98
C ASN A 276 14.58 15.96 -21.35
N TYR A 277 14.12 15.21 -20.36
CA TYR A 277 13.58 13.87 -20.55
C TYR A 277 12.28 13.66 -19.81
N TRP A 278 11.31 13.05 -20.48
CA TRP A 278 10.04 12.72 -19.79
C TRP A 278 10.20 11.68 -18.65
N ILE A 279 9.75 12.04 -17.45
CA ILE A 279 9.48 11.04 -16.43
C ILE A 279 8.02 10.65 -16.65
N ARG A 280 7.71 9.37 -16.81
CA ARG A 280 6.31 8.97 -17.10
C ARG A 280 5.69 7.98 -16.10
N ALA A 281 4.47 8.23 -15.63
CA ALA A 281 3.74 7.20 -14.94
C ALA A 281 2.49 6.94 -15.77
N ILE A 282 2.46 5.80 -16.48
CA ILE A 282 1.37 5.44 -17.39
C ILE A 282 0.38 4.41 -16.80
N PRO A 283 -0.90 4.81 -16.61
CA PRO A 283 -1.95 3.87 -16.20
C PRO A 283 -2.07 2.65 -17.13
N GLN A 284 -2.04 1.43 -16.57
CA GLN A 284 -2.24 0.20 -17.35
C GLN A 284 -3.73 -0.10 -17.60
N SER A 285 -4.11 -0.11 -18.87
CA SER A 285 -5.51 0.09 -19.26
C SER A 285 -6.44 -1.08 -18.97
N PHE A 286 -5.87 -2.22 -18.63
CA PHE A 286 -6.67 -3.39 -18.31
C PHE A 286 -7.40 -3.20 -16.98
N CYS A 287 -6.75 -2.54 -16.03
CA CYS A 287 -7.29 -2.34 -14.69
C CYS A 287 -7.21 -0.84 -14.24
N SER A 288 -6.91 0.06 -15.20
CA SER A 288 -6.87 1.51 -14.97
C SER A 288 -7.77 2.28 -15.95
N ASP A 289 -8.63 3.15 -15.46
CA ASP A 289 -9.51 3.96 -16.31
C ASP A 289 -9.14 5.43 -16.17
N ASN A 290 -8.16 5.88 -16.95
CA ASN A 290 -7.75 7.25 -16.84
C ASN A 290 -8.07 8.03 -18.11
N ALA A 291 -8.47 9.27 -17.95
CA ALA A 291 -8.73 10.15 -19.10
C ALA A 291 -7.41 10.73 -19.67
N ASN A 292 -6.30 10.55 -18.95
CA ASN A 292 -5.06 11.24 -19.29
C ASN A 292 -3.72 10.50 -19.13
N SER A 293 -3.63 9.26 -19.63
CA SER A 293 -2.44 8.46 -19.39
C SER A 293 -1.19 8.99 -20.07
N ASP A 294 -1.36 9.61 -21.23
CA ASP A 294 -0.29 10.30 -21.94
C ASP A 294 0.25 11.48 -21.16
N ASN A 295 -0.55 12.04 -20.24
CA ASN A 295 -0.21 13.31 -19.57
C ASN A 295 0.05 13.32 -18.06
N ILE A 296 0.47 12.17 -17.54
CA ILE A 296 0.99 12.04 -16.21
C ILE A 296 2.48 11.92 -16.35
N LYS A 297 3.14 13.06 -16.50
CA LYS A 297 4.58 13.14 -16.79
C LYS A 297 5.27 14.14 -15.88
N GLY A 298 6.60 14.09 -15.83
CA GLY A 298 7.39 15.03 -15.07
C GLY A 298 8.62 15.26 -15.90
N VAL A 299 9.43 16.25 -15.55
CA VAL A 299 10.60 16.60 -16.34
C VAL A 299 11.87 16.17 -15.64
N LEU A 300 12.67 15.33 -16.28
CA LEU A 300 14.01 15.07 -15.80
C LEU A 300 14.91 16.13 -16.45
N HIS A 301 15.42 17.03 -15.63
CA HIS A 301 16.21 18.17 -16.10
C HIS A 301 17.67 17.92 -15.79
N TYR A 302 18.49 17.75 -16.82
CA TYR A 302 19.94 17.68 -16.60
C TYR A 302 20.51 19.09 -16.32
N GLU A 303 21.42 19.21 -15.36
CA GLU A 303 22.01 20.50 -14.96
C GLU A 303 22.39 21.40 -16.13
N GLY A 304 23.10 20.84 -17.10
CA GLY A 304 23.34 21.53 -18.41
C GLY A 304 22.06 22.05 -19.09
N ALA A 305 21.42 22.98 -18.40
CA ALA A 305 20.05 23.43 -18.68
C ALA A 305 19.32 23.04 -20.01
N ALA A 306 18.68 24.06 -20.59
CA ALA A 306 17.61 24.03 -21.60
C ALA A 306 16.35 24.36 -20.79
N ASP A 307 16.49 25.33 -19.86
CA ASP A 307 15.42 25.77 -18.92
C ASP A 307 14.06 26.14 -19.51
N ASN A 308 13.02 25.90 -18.72
CA ASN A 308 11.66 26.26 -19.10
C ASN A 308 11.12 25.59 -20.34
N SER A 309 11.88 24.68 -20.93
CA SER A 309 11.43 24.01 -22.15
C SER A 309 11.00 22.55 -21.89
N ASP A 310 9.89 22.14 -22.50
CA ASP A 310 9.45 20.76 -22.45
C ASP A 310 10.56 19.84 -22.88
N PRO A 311 10.44 18.54 -22.55
CA PRO A 311 11.20 17.48 -23.21
C PRO A 311 10.55 17.16 -24.52
N THR A 312 11.30 16.48 -25.38
CA THR A 312 10.91 16.10 -26.75
C THR A 312 11.29 14.63 -26.95
N SER A 313 11.55 13.96 -25.81
CA SER A 313 12.12 12.61 -25.78
C SER A 313 11.05 11.56 -26.02
N THR A 314 11.46 10.37 -26.50
CA THR A 314 10.52 9.34 -26.87
C THR A 314 10.40 8.28 -25.78
N LYS A 315 9.17 7.86 -25.49
CA LYS A 315 8.90 6.79 -24.54
C LYS A 315 9.60 5.49 -24.98
N TRP A 316 10.23 4.79 -24.04
CA TRP A 316 10.76 3.46 -24.30
C TRP A 316 9.72 2.55 -24.95
N ASP A 317 10.08 1.95 -26.06
CA ASP A 317 9.24 0.95 -26.66
C ASP A 317 9.43 -0.38 -25.90
N TYR A 318 8.49 -0.68 -24.99
CA TYR A 318 8.52 -1.93 -24.18
C TYR A 318 7.26 -2.78 -24.33
N GLY A 319 6.39 -2.41 -25.25
CA GLY A 319 5.18 -3.20 -25.47
C GLY A 319 4.03 -2.32 -25.12
N ASP A 320 2.89 -2.95 -24.85
CA ASP A 320 1.67 -2.20 -24.52
C ASP A 320 1.69 -1.64 -23.09
N ASP A 321 0.68 -0.85 -22.78
CA ASP A 321 0.46 -0.40 -21.42
C ASP A 321 -0.92 -0.87 -21.01
N ILE A 322 -1.19 -2.14 -21.30
CA ILE A 322 -2.51 -2.70 -21.15
C ILE A 322 -2.66 -3.51 -19.87
N GLN A 323 -1.99 -4.65 -19.87
CA GLN A 323 -2.17 -5.67 -18.87
C GLN A 323 -1.50 -5.16 -17.56
N CYS A 324 -2.02 -5.59 -16.42
CA CYS A 324 -1.54 -5.17 -15.11
C CYS A 324 -0.75 -6.31 -14.50
N LEU A 325 0.56 -6.08 -14.36
CA LEU A 325 1.51 -7.17 -14.11
C LEU A 325 2.58 -6.82 -13.08
N ASP A 326 3.07 -7.83 -12.37
CA ASP A 326 4.27 -7.71 -11.55
C ASP A 326 5.50 -8.13 -12.34
N PHE A 327 6.66 -7.67 -11.90
CA PHE A 327 7.86 -8.29 -12.37
C PHE A 327 7.67 -9.82 -12.16
N SER A 328 8.16 -10.62 -13.08
CA SER A 328 8.01 -12.07 -12.99
C SER A 328 8.75 -12.60 -11.75
N LEU A 329 8.29 -13.74 -11.23
CA LEU A 329 8.90 -14.42 -10.10
C LEU A 329 10.44 -14.55 -10.10
N ASP A 330 11.03 -14.87 -11.24
CA ASP A 330 12.49 -15.03 -11.34
C ASP A 330 13.25 -13.68 -11.43
N GLU A 331 12.55 -12.60 -11.77
CA GLU A 331 13.19 -11.27 -11.83
C GLU A 331 13.43 -10.64 -10.45
N LEU A 332 12.69 -11.11 -9.44
CA LEU A 332 12.71 -10.58 -8.05
C LEU A 332 13.32 -11.57 -7.06
N VAL A 333 14.66 -11.55 -6.97
CA VAL A 333 15.43 -12.46 -6.09
C VAL A 333 15.99 -11.73 -4.87
N PRO A 334 15.39 -11.99 -3.68
CA PRO A 334 15.83 -11.38 -2.42
C PRO A 334 17.34 -11.58 -2.15
N TRP A 335 18.04 -10.52 -1.80
CA TRP A 335 19.45 -10.65 -1.43
C TRP A 335 19.68 -11.56 -0.21
N LEU A 336 18.96 -11.32 0.88
CA LEU A 336 18.88 -12.31 1.96
C LEU A 336 18.11 -13.52 1.44
N ALA A 337 18.80 -14.63 1.17
CA ALA A 337 18.15 -15.79 0.57
C ALA A 337 17.50 -16.62 1.66
N LEU A 338 16.19 -16.72 1.63
CA LEU A 338 15.43 -17.52 2.59
C LEU A 338 14.37 -18.25 1.81
N ASP A 339 14.05 -19.49 2.15
CA ASP A 339 13.02 -20.08 1.31
C ASP A 339 11.68 -20.54 1.94
N ALA A 340 10.78 -21.04 1.12
CA ALA A 340 9.38 -21.08 1.49
C ALA A 340 8.95 -22.14 2.49
N ASP A 341 9.63 -23.26 2.60
CA ASP A 341 9.38 -24.20 3.73
C ASP A 341 7.91 -24.38 4.02
N ILE A 342 7.23 -25.01 3.07
CA ILE A 342 5.78 -25.18 3.13
C ILE A 342 5.36 -26.61 3.52
N GLY A 343 6.36 -27.43 3.82
CA GLY A 343 6.17 -28.77 4.33
C GLY A 343 5.12 -28.91 5.44
N GLY A 344 3.97 -29.52 5.08
CA GLY A 344 2.91 -29.82 6.02
C GLY A 344 2.18 -28.58 6.49
N ALA A 345 2.06 -27.58 5.62
CA ALA A 345 1.52 -26.28 6.00
C ALA A 345 0.00 -26.29 5.85
N GLN A 346 -0.68 -25.49 6.67
CA GLN A 346 -2.10 -25.21 6.55
C GLN A 346 -2.42 -24.61 5.17
N MET A 347 -3.07 -25.38 4.32
CA MET A 347 -3.41 -24.93 2.99
C MET A 347 -4.69 -24.12 3.07
N ALA A 348 -4.82 -23.05 2.30
CA ALA A 348 -6.05 -22.28 2.35
C ALA A 348 -6.33 -21.61 1.02
N GLU A 349 -7.60 -21.33 0.74
CA GLU A 349 -7.99 -20.85 -0.57
C GLU A 349 -8.99 -19.74 -0.31
N SER A 350 -8.93 -18.65 -1.07
CA SER A 350 -9.92 -17.56 -0.94
C SER A 350 -10.40 -17.08 -2.33
N ASP A 351 -11.69 -17.25 -2.63
CA ASP A 351 -12.17 -16.68 -3.86
C ASP A 351 -12.47 -15.19 -3.77
N VAL A 352 -12.17 -14.53 -4.86
CA VAL A 352 -12.51 -13.14 -5.03
C VAL A 352 -13.63 -12.98 -6.05
N ASP A 353 -14.74 -12.41 -5.60
CA ASP A 353 -15.86 -12.19 -6.47
C ASP A 353 -16.46 -10.77 -6.25
N PHE A 354 -17.38 -10.39 -7.14
CA PHE A 354 -17.93 -9.07 -7.19
C PHE A 354 -19.43 -9.27 -7.33
N THR A 355 -20.16 -9.13 -6.22
CA THR A 355 -21.57 -9.50 -6.11
C THR A 355 -22.49 -8.34 -5.65
N PRO A 356 -23.77 -8.33 -6.12
CA PRO A 356 -24.74 -7.29 -5.74
C PRO A 356 -25.44 -7.64 -4.44
N PHE A 357 -25.94 -6.64 -3.73
CA PHE A 357 -26.57 -6.88 -2.44
C PHE A 357 -27.70 -5.87 -2.32
N GLY A 358 -28.86 -6.31 -1.85
CA GLY A 358 -29.96 -5.38 -1.58
C GLY A 358 -30.65 -4.94 -2.85
N ASP A 359 -31.74 -4.18 -2.70
CA ASP A 359 -32.66 -3.92 -3.80
C ASP A 359 -32.13 -2.81 -4.74
N VAL A 360 -31.17 -2.03 -4.27
CA VAL A 360 -30.56 -1.00 -5.10
C VAL A 360 -29.66 -1.56 -6.21
N PRO A 361 -29.12 -2.79 -6.00
CA PRO A 361 -27.77 -3.28 -5.86
C PRO A 361 -26.69 -2.25 -5.52
N LEU A 362 -26.01 -2.53 -4.42
CA LEU A 362 -24.64 -2.12 -4.23
C LEU A 362 -23.80 -3.33 -4.65
N TYR A 363 -22.78 -3.08 -5.45
CA TYR A 363 -21.90 -4.14 -5.85
C TYR A 363 -20.72 -4.12 -4.90
N LEU A 364 -20.55 -5.24 -4.19
CA LEU A 364 -19.47 -5.39 -3.20
C LEU A 364 -18.45 -6.47 -3.58
N TRP A 365 -17.16 -6.21 -3.32
CA TRP A 365 -16.15 -7.26 -3.50
C TRP A 365 -16.15 -8.14 -2.29
N THR A 366 -15.71 -9.36 -2.48
CA THR A 366 -16.05 -10.43 -1.58
C THR A 366 -14.86 -11.33 -1.59
N MET A 367 -14.35 -11.69 -0.42
CA MET A 367 -13.06 -12.37 -0.33
C MET A 367 -13.16 -13.54 0.64
N GLY A 368 -13.13 -14.75 0.08
CA GLY A 368 -13.15 -15.98 0.86
C GLY A 368 -14.55 -16.28 1.36
N GLY A 369 -15.56 -15.89 0.57
CA GLY A 369 -16.95 -16.26 0.85
C GLY A 369 -17.83 -15.08 1.21
N ASN A 370 -17.23 -14.05 1.80
CA ASN A 370 -18.00 -12.92 2.30
C ASN A 370 -17.31 -11.62 1.99
N ALA A 371 -18.10 -10.56 1.93
CA ALA A 371 -17.59 -9.20 1.98
C ALA A 371 -17.51 -8.85 3.47
N LEU A 372 -16.32 -8.50 3.91
CA LEU A 372 -16.08 -8.07 5.30
C LEU A 372 -17.14 -7.06 5.81
N ASN A 373 -17.61 -7.34 7.01
CA ASN A 373 -18.61 -6.56 7.72
C ASN A 373 -18.24 -6.56 9.19
N ILE A 374 -17.30 -5.69 9.56
CA ILE A 374 -16.93 -5.58 10.95
C ILE A 374 -17.16 -4.19 11.53
N SER A 375 -16.67 -3.96 12.74
CA SER A 375 -17.17 -2.88 13.52
C SER A 375 -16.09 -1.98 14.09
N TRP A 376 -16.11 -0.71 13.69
CA TRP A 376 -15.27 0.31 14.27
C TRP A 376 -15.36 0.30 15.81
N LYS A 377 -16.58 0.33 16.29
CA LYS A 377 -16.99 0.35 17.69
C LYS A 377 -16.53 -0.89 18.46
N ASP A 378 -16.24 -1.98 17.76
CA ASP A 378 -16.01 -3.25 18.43
C ASP A 378 -14.78 -4.02 17.83
N PRO A 379 -13.60 -3.43 17.88
CA PRO A 379 -12.55 -4.12 17.10
C PRO A 379 -12.33 -5.57 17.52
N THR A 380 -11.81 -6.38 16.61
CA THR A 380 -11.48 -7.75 16.93
C THR A 380 -10.72 -7.85 18.26
N LEU A 381 -9.75 -6.96 18.50
CA LEU A 381 -8.88 -7.07 19.70
C LEU A 381 -9.67 -6.89 21.00
N GLN A 382 -10.76 -6.11 20.95
CA GLN A 382 -11.66 -6.01 22.10
C GLN A 382 -12.44 -7.30 22.29
N GLN A 383 -12.86 -7.90 21.18
CA GLN A 383 -13.60 -9.16 21.15
C GLN A 383 -12.73 -10.21 21.84
N THR A 384 -11.45 -10.27 21.48
CA THR A 384 -10.55 -11.29 22.00
C THR A 384 -10.02 -10.98 23.38
N PHE A 385 -10.26 -9.77 23.87
CA PHE A 385 -9.83 -9.41 25.22
C PHE A 385 -10.97 -9.71 26.18
N GLU A 386 -12.18 -9.28 25.83
CA GLU A 386 -13.43 -9.68 26.48
C GLU A 386 -13.53 -11.22 26.47
N ASP A 387 -13.42 -11.86 25.31
CA ASP A 387 -13.42 -13.31 25.27
C ASP A 387 -12.09 -13.99 24.77
N PRO A 388 -11.07 -14.12 25.67
CA PRO A 388 -9.73 -14.67 25.34
C PRO A 388 -9.67 -15.86 24.37
N ASP A 389 -10.55 -16.83 24.56
CA ASP A 389 -10.53 -18.08 23.79
C ASP A 389 -11.70 -18.14 22.81
N LYS A 390 -12.19 -16.96 22.40
CA LYS A 390 -13.27 -16.85 21.39
C LYS A 390 -13.00 -17.77 20.20
N MET A 391 -14.03 -18.48 19.76
CA MET A 391 -13.93 -19.32 18.56
C MET A 391 -15.17 -19.16 17.66
N ASP A 392 -16.10 -18.32 18.07
CA ASP A 392 -17.38 -18.18 17.39
C ASP A 392 -17.42 -17.05 16.37
N TRP A 393 -16.43 -16.98 15.48
CA TRP A 393 -16.39 -15.94 14.44
C TRP A 393 -17.60 -15.93 13.49
N LYS A 394 -17.90 -14.81 12.86
CA LYS A 394 -19.17 -14.66 12.19
C LYS A 394 -19.19 -14.73 10.66
N ALA A 395 -18.16 -15.30 10.04
CA ALA A 395 -18.15 -15.43 8.56
C ALA A 395 -17.99 -14.06 7.85
N SER A 396 -18.87 -13.12 8.18
CA SER A 396 -18.67 -11.77 7.70
C SER A 396 -17.53 -11.06 8.48
N GLN A 397 -16.82 -11.78 9.35
CA GLN A 397 -15.55 -11.29 9.91
C GLN A 397 -14.30 -11.69 9.14
N GLY A 398 -14.45 -12.58 8.17
CA GLY A 398 -13.37 -12.98 7.30
C GLY A 398 -12.19 -13.57 8.02
N VAL A 399 -12.44 -14.27 9.12
CA VAL A 399 -11.36 -14.90 9.88
C VAL A 399 -10.71 -16.07 9.12
N ILE A 400 -9.38 -16.12 9.18
CA ILE A 400 -8.56 -17.25 8.77
C ILE A 400 -7.63 -17.41 9.94
N GLU A 401 -7.77 -18.53 10.68
CA GLU A 401 -6.97 -18.76 11.90
C GLU A 401 -5.58 -19.30 11.57
N ALA A 402 -4.61 -18.96 12.41
CA ALA A 402 -3.31 -19.61 12.42
C ALA A 402 -2.87 -19.64 13.89
N ALA A 403 -3.34 -20.66 14.62
CA ALA A 403 -3.22 -20.69 16.07
C ALA A 403 -1.98 -21.39 16.56
N ILE A 404 -1.23 -22.01 15.64
CA ILE A 404 -0.07 -22.81 15.96
C ILE A 404 1.19 -22.06 15.59
N PRO A 405 2.03 -21.75 16.59
CA PRO A 405 3.24 -20.92 16.50
C PRO A 405 4.28 -21.49 15.55
N ASN A 406 4.60 -20.73 14.51
CA ASN A 406 5.66 -21.04 13.56
C ASN A 406 5.23 -21.97 12.46
N LYS A 407 3.99 -22.43 12.53
CA LYS A 407 3.36 -23.17 11.46
C LYS A 407 3.14 -22.24 10.26
N TRP A 408 3.42 -22.67 9.03
CA TRP A 408 3.09 -21.86 7.81
C TRP A 408 1.63 -21.91 7.35
N THR A 409 1.25 -20.94 6.55
CA THR A 409 -0.07 -20.91 5.92
C THR A 409 0.29 -20.66 4.46
N VAL A 410 -0.16 -21.56 3.61
CA VAL A 410 -0.06 -21.35 2.18
C VAL A 410 -1.45 -20.92 1.64
N LEU A 411 -1.63 -19.65 1.33
CA LEU A 411 -2.95 -19.15 0.89
C LEU A 411 -3.06 -19.00 -0.64
N VAL A 412 -4.19 -19.43 -1.19
CA VAL A 412 -4.50 -19.18 -2.59
C VAL A 412 -5.56 -18.08 -2.62
N VAL A 413 -5.23 -17.00 -3.32
CA VAL A 413 -6.16 -15.88 -3.50
C VAL A 413 -6.42 -15.90 -5.00
N GLN A 414 -7.65 -16.24 -5.39
CA GLN A 414 -7.92 -16.56 -6.77
C GLN A 414 -9.25 -15.96 -7.24
N THR A 415 -9.38 -15.65 -8.53
CA THR A 415 -10.66 -15.11 -9.05
C THR A 415 -11.01 -15.68 -10.42
N ASP A 416 -12.30 -15.65 -10.76
CA ASP A 416 -12.80 -16.02 -12.11
C ASP A 416 -12.96 -14.80 -13.00
N LEU A 417 -13.03 -13.61 -12.41
CA LEU A 417 -13.30 -12.40 -13.19
C LEU A 417 -12.05 -11.85 -13.90
N PRO A 418 -12.23 -11.15 -15.04
CA PRO A 418 -11.10 -10.63 -15.77
C PRO A 418 -10.67 -9.31 -15.14
N VAL A 419 -10.45 -9.36 -13.82
CA VAL A 419 -10.10 -8.18 -12.97
C VAL A 419 -8.95 -8.52 -12.00
N PRO A 420 -7.79 -7.90 -12.16
CA PRO A 420 -6.64 -8.19 -11.29
C PRO A 420 -6.65 -7.31 -10.04
N HIS A 421 -5.97 -7.73 -8.94
CA HIS A 421 -5.96 -6.96 -7.63
C HIS A 421 -4.64 -7.04 -6.83
N PRO A 422 -4.08 -5.90 -6.39
CA PRO A 422 -2.95 -5.97 -5.45
C PRO A 422 -3.37 -6.55 -4.07
N ILE A 423 -2.59 -7.47 -3.54
CA ILE A 423 -2.97 -8.14 -2.29
C ILE A 423 -1.82 -7.89 -1.31
N HIS A 424 -2.20 -7.40 -0.13
CA HIS A 424 -1.26 -6.90 0.82
C HIS A 424 -1.50 -7.60 2.12
N LEU A 425 -0.44 -8.11 2.74
CA LEU A 425 -0.58 -8.78 4.03
C LEU A 425 0.09 -7.91 5.08
N HIS A 426 -0.69 -7.54 6.12
CA HIS A 426 -0.19 -6.82 7.27
C HIS A 426 0.64 -7.78 8.11
N GLY A 427 1.59 -7.26 8.87
CA GLY A 427 2.32 -8.05 9.84
C GLY A 427 3.39 -8.99 9.31
N HIS A 428 3.56 -9.02 7.99
CA HIS A 428 4.40 -10.03 7.38
C HIS A 428 5.02 -9.63 6.06
N ASP A 429 6.22 -10.18 5.80
CA ASP A 429 6.66 -10.36 4.42
C ASP A 429 6.17 -11.75 4.02
N PHE A 430 5.31 -11.85 3.00
CA PHE A 430 4.86 -13.16 2.57
C PHE A 430 5.87 -13.64 1.56
N TYR A 431 5.81 -14.93 1.27
CA TYR A 431 6.72 -15.57 0.34
C TYR A 431 5.81 -15.85 -0.85
N LEU A 432 6.18 -15.37 -2.04
CA LEU A 432 5.26 -15.35 -3.17
C LEU A 432 5.51 -16.57 -3.99
N LEU A 433 4.66 -17.58 -3.84
CA LEU A 433 4.95 -18.92 -4.36
C LEU A 433 4.58 -19.11 -5.85
N ALA A 434 3.45 -18.53 -6.28
CA ALA A 434 2.99 -18.68 -7.66
C ALA A 434 2.22 -17.44 -8.03
N GLN A 435 2.06 -17.22 -9.33
CA GLN A 435 1.32 -16.07 -9.84
C GLN A 435 0.88 -16.38 -11.30
N GLY A 436 -0.40 -16.31 -11.62
CA GLY A 436 -0.77 -16.64 -13.00
C GLY A 436 -2.15 -16.25 -13.47
N PHE A 437 -2.57 -16.87 -14.58
CA PHE A 437 -3.82 -16.51 -15.25
C PHE A 437 -4.80 -17.69 -15.34
N GLY A 438 -6.09 -17.42 -15.51
CA GLY A 438 -7.07 -18.50 -15.53
C GLY A 438 -7.18 -19.14 -14.16
N GLN A 439 -7.63 -20.38 -14.12
CA GLN A 439 -7.87 -21.04 -12.85
C GLN A 439 -6.65 -21.74 -12.32
N PHE A 440 -6.58 -21.87 -11.00
CA PHE A 440 -5.40 -22.44 -10.34
C PHE A 440 -5.61 -23.94 -10.13
N ASN A 441 -4.73 -24.76 -10.71
CA ASN A 441 -4.78 -26.23 -10.59
C ASN A 441 -3.54 -26.73 -9.84
N PRO A 442 -3.72 -27.14 -8.57
CA PRO A 442 -2.58 -27.43 -7.68
C PRO A 442 -1.66 -28.51 -8.22
N GLN A 443 -2.17 -29.32 -9.17
CA GLN A 443 -1.44 -30.39 -9.86
C GLN A 443 -0.59 -29.86 -10.99
N ASN A 444 -1.14 -28.92 -11.77
CA ASN A 444 -0.42 -28.32 -12.91
C ASN A 444 0.48 -27.07 -12.62
N VAL A 445 0.32 -26.44 -11.45
CA VAL A 445 1.14 -25.25 -11.16
C VAL A 445 2.21 -25.45 -10.10
N THR A 446 3.44 -25.16 -10.48
CA THR A 446 4.63 -25.47 -9.69
C THR A 446 5.02 -24.32 -8.72
N LEU A 447 4.89 -24.56 -7.41
CA LEU A 447 5.20 -23.54 -6.39
C LEU A 447 6.70 -23.29 -6.24
N LYS A 448 7.13 -22.04 -6.37
CA LYS A 448 8.54 -21.67 -6.15
C LYS A 448 8.73 -21.58 -4.67
N THR A 449 9.61 -22.42 -4.15
CA THR A 449 9.87 -22.46 -2.73
C THR A 449 11.31 -22.08 -2.48
N HIS A 450 12.20 -22.24 -3.48
CA HIS A 450 13.61 -21.87 -3.28
C HIS A 450 13.92 -20.37 -3.49
N ASN A 451 14.10 -19.69 -2.36
CA ASN A 451 14.33 -18.24 -2.28
C ASN A 451 13.40 -17.47 -3.18
N PRO A 452 12.09 -17.74 -3.07
CA PRO A 452 11.11 -17.08 -3.93
C PRO A 452 11.07 -15.60 -3.59
N PRO A 453 10.40 -14.79 -4.44
CA PRO A 453 10.29 -13.36 -4.10
C PRO A 453 9.58 -13.13 -2.76
N ARG A 454 9.95 -12.08 -2.04
CA ARG A 454 9.44 -11.85 -0.70
C ARG A 454 9.07 -10.39 -0.51
N ARG A 455 7.81 -10.12 -0.22
CA ARG A 455 7.32 -8.75 -0.13
C ARG A 455 6.02 -8.74 0.57
N ASP A 456 5.36 -7.58 0.59
CA ASP A 456 4.14 -7.42 1.39
C ASP A 456 2.89 -7.17 0.56
N THR A 457 3.08 -6.81 -0.72
CA THR A 457 2.01 -6.60 -1.67
C THR A 457 2.34 -7.20 -3.04
N ALA A 458 1.45 -8.01 -3.58
CA ALA A 458 1.70 -8.60 -4.86
C ALA A 458 0.39 -8.74 -5.59
N LEU A 459 0.42 -8.83 -6.91
CA LEU A 459 -0.80 -8.95 -7.68
C LEU A 459 -1.38 -10.34 -7.71
N MET A 460 -2.70 -10.37 -7.59
CA MET A 460 -3.48 -11.44 -8.15
C MET A 460 -3.74 -10.94 -9.55
N THR A 461 -2.97 -11.47 -10.48
CA THR A 461 -3.11 -11.14 -11.90
C THR A 461 -4.34 -11.88 -12.43
N ALA A 462 -4.91 -11.33 -13.49
CA ALA A 462 -6.07 -11.90 -14.11
C ALA A 462 -5.91 -11.83 -15.63
N ALA A 463 -6.48 -12.84 -16.29
CA ALA A 463 -6.49 -12.92 -17.75
C ALA A 463 -7.54 -12.00 -18.29
N THR A 464 -7.43 -11.66 -19.58
CA THR A 464 -8.34 -10.70 -20.21
C THR A 464 -9.60 -11.43 -20.66
N PRO A 465 -10.71 -10.70 -20.91
CA PRO A 465 -11.94 -11.45 -21.26
C PRO A 465 -11.77 -12.42 -22.47
N GLU A 466 -11.07 -12.00 -23.51
CA GLU A 466 -10.89 -12.83 -24.68
C GLU A 466 -10.11 -14.14 -24.38
N ASN A 467 -9.29 -14.12 -23.33
CA ASN A 467 -8.55 -15.31 -22.86
C ASN A 467 -9.25 -16.03 -21.73
N GLY A 468 -10.50 -15.70 -21.48
CA GLY A 468 -11.27 -16.45 -20.50
C GLY A 468 -11.31 -15.87 -19.10
N GLY A 469 -10.65 -14.74 -18.89
CA GLY A 469 -10.59 -14.11 -17.57
C GLY A 469 -9.94 -14.99 -16.52
N GLY A 470 -9.95 -14.52 -15.29
CA GLY A 470 -9.55 -15.34 -14.16
C GLY A 470 -8.07 -15.24 -13.88
N GLY A 471 -7.71 -15.52 -12.62
CA GLY A 471 -6.32 -15.47 -12.18
C GLY A 471 -6.19 -15.83 -10.72
N TYR A 472 -4.95 -15.95 -10.27
CA TYR A 472 -4.67 -16.35 -8.89
C TYR A 472 -3.27 -15.91 -8.53
N MET A 473 -3.04 -15.68 -7.25
CA MET A 473 -1.69 -15.56 -6.71
C MET A 473 -1.64 -16.49 -5.50
N VAL A 474 -0.50 -17.14 -5.26
CA VAL A 474 -0.28 -18.02 -4.09
C VAL A 474 0.77 -17.44 -3.15
N ILE A 475 0.44 -17.28 -1.86
CA ILE A 475 1.47 -16.79 -0.92
C ILE A 475 1.69 -17.81 0.19
N GLY A 476 2.83 -17.72 0.89
CA GLY A 476 3.04 -18.45 2.14
C GLY A 476 3.78 -17.68 3.22
N PHE A 477 3.35 -17.85 4.46
CA PHE A 477 4.01 -17.19 5.61
C PHE A 477 3.97 -18.03 6.92
N PRO A 478 5.03 -17.98 7.76
CA PRO A 478 4.92 -18.68 9.05
C PRO A 478 4.16 -17.84 10.06
N ALA A 479 3.46 -18.48 10.98
CA ALA A 479 2.80 -17.72 12.04
C ALA A 479 3.88 -17.22 13.01
N ASP A 480 4.55 -16.12 12.68
CA ASP A 480 5.72 -15.70 13.49
C ASP A 480 5.44 -14.43 14.30
N ASN A 481 4.18 -13.98 14.25
CA ASN A 481 3.82 -12.65 14.74
C ASN A 481 2.40 -12.58 15.23
N PRO A 482 2.21 -12.75 16.55
CA PRO A 482 0.88 -12.88 17.08
C PRO A 482 0.16 -11.59 16.89
N GLY A 483 -1.12 -11.69 16.52
CA GLY A 483 -1.98 -10.51 16.34
C GLY A 483 -3.09 -10.75 15.34
N VAL A 484 -3.95 -9.75 15.11
CA VAL A 484 -4.97 -9.83 14.08
C VAL A 484 -4.49 -8.98 12.93
N TRP A 485 -4.20 -9.62 11.80
CA TRP A 485 -3.65 -8.94 10.64
C TRP A 485 -4.62 -8.89 9.48
N LEU A 486 -4.92 -7.68 9.02
CA LEU A 486 -5.74 -7.51 7.83
C LEU A 486 -5.00 -8.09 6.65
N ILE A 487 -5.69 -8.90 5.83
CA ILE A 487 -5.19 -9.23 4.47
C ILE A 487 -6.24 -8.78 3.46
N HIS A 488 -5.81 -8.05 2.44
CA HIS A 488 -6.80 -7.32 1.67
C HIS A 488 -6.31 -6.80 0.36
N CYS A 489 -7.26 -6.41 -0.47
CA CYS A 489 -6.94 -5.75 -1.71
C CYS A 489 -6.55 -4.32 -1.40
N HIS A 490 -5.41 -3.90 -1.93
CA HIS A 490 -4.92 -2.57 -1.65
C HIS A 490 -5.63 -1.48 -2.44
N ILE A 491 -6.61 -1.86 -3.26
CA ILE A 491 -7.50 -0.89 -3.90
C ILE A 491 -8.48 -0.32 -2.84
N GLY A 492 -8.45 0.99 -2.63
CA GLY A 492 -9.29 1.66 -1.64
C GLY A 492 -10.74 1.22 -1.60
N PHE A 493 -11.47 1.45 -2.70
CA PHE A 493 -12.90 1.12 -2.82
C PHE A 493 -13.18 -0.38 -2.58
N HIS A 494 -12.35 -1.26 -3.13
CA HIS A 494 -12.56 -2.68 -2.92
C HIS A 494 -12.51 -3.06 -1.44
N ALA A 495 -11.52 -2.56 -0.70
CA ALA A 495 -11.37 -2.93 0.72
C ALA A 495 -12.52 -2.38 1.54
N THR A 496 -13.05 -1.21 1.15
CA THR A 496 -14.16 -0.63 1.89
C THR A 496 -15.43 -1.38 1.64
N GLU A 497 -15.48 -2.02 0.48
CA GLU A 497 -16.66 -2.77 0.08
C GLU A 497 -16.61 -4.19 0.64
N GLY A 498 -15.52 -4.54 1.32
CA GLY A 498 -15.46 -5.85 1.95
C GLY A 498 -14.38 -6.79 1.46
N PHE A 499 -13.56 -6.36 0.48
CA PHE A 499 -12.42 -7.16 -0.09
C PHE A 499 -11.21 -7.18 0.88
N ALA A 500 -11.37 -7.98 1.94
CA ALA A 500 -10.53 -7.95 3.09
C ALA A 500 -10.87 -9.20 3.90
N GLN A 501 -9.89 -9.72 4.63
CA GLN A 501 -10.08 -10.85 5.51
C GLN A 501 -9.09 -10.59 6.63
N GLN A 502 -9.22 -11.31 7.74
CA GLN A 502 -8.31 -11.13 8.86
C GLN A 502 -7.67 -12.38 9.35
N ILE A 503 -6.35 -12.42 9.28
CA ILE A 503 -5.59 -13.48 9.94
C ILE A 503 -5.73 -13.29 11.46
N VAL A 504 -6.40 -14.23 12.14
CA VAL A 504 -6.30 -14.24 13.58
C VAL A 504 -5.15 -15.15 13.96
N GLU A 505 -3.98 -14.53 14.14
CA GLU A 505 -2.72 -15.21 14.33
C GLU A 505 -2.30 -15.31 15.82
N ARG A 506 -1.97 -16.53 16.23
CA ARG A 506 -1.55 -16.85 17.61
C ARG A 506 -2.42 -16.19 18.69
N GLN A 507 -3.74 -16.29 18.54
CA GLN A 507 -4.68 -15.78 19.54
C GLN A 507 -4.32 -15.98 21.03
N SER A 508 -3.94 -17.19 21.44
CA SER A 508 -3.48 -17.47 22.82
C SER A 508 -2.51 -16.45 23.41
N GLU A 509 -1.66 -15.89 22.56
CA GLU A 509 -0.51 -15.06 22.92
C GLU A 509 -0.72 -13.57 22.63
N PHE A 510 -1.97 -13.13 22.57
CA PHE A 510 -2.34 -11.72 22.42
C PHE A 510 -1.87 -10.90 23.62
N ASN A 511 -1.86 -11.50 24.82
CA ASN A 511 -1.43 -10.85 26.09
C ASN A 511 0.04 -10.41 26.01
N THR A 512 0.71 -10.79 24.93
CA THR A 512 2.11 -10.53 24.76
C THR A 512 2.35 -9.12 24.25
N PHE A 513 1.27 -8.41 23.92
CA PHE A 513 1.37 -7.06 23.38
C PHE A 513 0.13 -6.26 23.78
N PHE A 514 -0.96 -6.96 24.07
CA PHE A 514 -2.20 -6.24 24.29
C PHE A 514 -2.16 -5.32 25.50
N SER A 515 -2.59 -4.07 25.30
CA SER A 515 -2.77 -3.11 26.35
C SER A 515 -4.24 -2.69 26.43
N GLU A 516 -4.86 -2.98 27.56
CA GLU A 516 -6.27 -2.58 27.78
C GLU A 516 -6.49 -1.08 27.60
N ASP A 517 -5.57 -0.30 28.12
CA ASP A 517 -5.71 1.14 28.14
C ASP A 517 -5.59 1.78 26.76
N LEU A 518 -4.62 1.28 26.01
CA LEU A 518 -4.37 1.80 24.70
C LEU A 518 -5.63 1.56 23.90
N LEU A 519 -6.23 0.40 24.07
CA LEU A 519 -7.52 0.11 23.45
C LEU A 519 -8.67 0.97 23.93
N GLU A 520 -8.89 0.97 25.26
CA GLU A 520 -10.14 1.57 25.86
C GLU A 520 -10.22 3.09 25.67
N ASN A 521 -9.14 3.78 26.09
CA ASN A 521 -9.07 5.24 25.99
C ASN A 521 -9.64 5.78 24.66
N THR A 522 -9.19 5.20 23.54
CA THR A 522 -9.55 5.65 22.21
C THR A 522 -11.00 5.30 21.93
N CYS A 523 -11.36 4.03 22.17
CA CYS A 523 -12.75 3.56 21.98
C CYS A 523 -13.77 4.35 22.79
N ASP A 524 -13.36 4.84 23.95
CA ASP A 524 -14.26 5.62 24.79
C ASP A 524 -14.47 6.99 24.16
N ALA A 525 -13.35 7.62 23.81
CA ALA A 525 -13.40 8.89 23.09
C ALA A 525 -14.25 8.75 21.81
N TRP A 526 -14.09 7.66 21.06
CA TRP A 526 -14.83 7.47 19.80
C TRP A 526 -16.30 7.27 20.06
N ASP A 527 -16.61 6.45 21.06
CA ASP A 527 -17.98 6.38 21.58
C ASP A 527 -18.47 7.81 21.96
N GLU A 528 -17.72 8.53 22.78
CA GLU A 528 -18.11 9.92 23.12
C GLU A 528 -18.51 10.82 21.93
N TYR A 529 -17.86 10.62 20.78
CA TYR A 529 -18.03 11.45 19.57
C TYR A 529 -19.22 10.97 18.76
N ALA A 530 -19.51 9.68 18.86
CA ALA A 530 -20.61 9.10 18.08
C ALA A 530 -21.94 9.60 18.63
N LYS A 531 -21.97 9.92 19.92
CA LYS A 531 -23.18 10.47 20.53
C LYS A 531 -23.60 11.82 20.00
N VAL A 532 -22.66 12.58 19.43
CA VAL A 532 -22.95 13.95 19.02
C VAL A 532 -22.84 14.19 17.53
N ASN A 533 -22.02 13.38 16.85
CA ASN A 533 -21.74 13.55 15.40
C ASN A 533 -22.23 12.37 14.55
N PRO A 534 -23.14 12.64 13.60
CA PRO A 534 -23.67 11.56 12.78
C PRO A 534 -22.55 10.72 12.11
N TYR A 535 -21.37 11.32 11.90
CA TYR A 535 -20.28 10.62 11.22
C TYR A 535 -19.52 9.67 12.13
N GLY A 536 -19.95 9.53 13.38
CA GLY A 536 -19.29 8.61 14.32
C GLY A 536 -19.95 7.26 14.18
N HIS A 537 -21.07 7.25 13.48
CA HIS A 537 -21.83 6.05 13.26
C HIS A 537 -21.43 5.44 11.92
N GLN A 538 -20.78 4.27 11.98
CA GLN A 538 -20.42 3.45 10.81
C GLN A 538 -21.65 3.14 9.92
N TYR A 539 -21.70 3.62 8.68
CA TYR A 539 -22.76 3.17 7.76
C TYR A 539 -22.47 1.77 7.21
N ARG A 540 -23.36 0.82 7.51
CA ARG A 540 -23.16 -0.61 7.22
C ARG A 540 -24.30 -1.22 6.43
N ALA A 541 -25.26 -0.38 6.02
CA ALA A 541 -26.44 -0.85 5.31
C ALA A 541 -26.27 -0.90 3.77
N LEU A 542 -27.38 -0.87 3.04
CA LEU A 542 -27.36 -1.16 1.62
C LEU A 542 -28.06 -0.11 0.72
N ALA A 543 -28.27 1.09 1.27
CA ALA A 543 -28.79 2.24 0.48
C ALA A 543 -27.93 3.48 0.69
N GLY A 544 -26.64 3.27 0.96
CA GLY A 544 -25.71 4.39 1.22
C GLY A 544 -24.25 3.99 1.12
N PRO A 545 -23.35 4.74 1.78
CA PRO A 545 -21.91 4.49 1.67
C PRO A 545 -21.32 3.48 2.63
N TYR A 546 -21.52 2.20 2.26
CA TYR A 546 -21.11 1.04 3.03
C TYR A 546 -19.64 1.08 3.42
N GLU A 547 -19.38 0.77 4.70
CA GLU A 547 -18.02 0.60 5.21
C GLU A 547 -17.88 -0.72 5.88
N SER A 548 -17.13 -1.62 5.25
CA SER A 548 -16.72 -2.88 5.86
C SER A 548 -16.19 -2.70 7.29
N GLY A 549 -15.59 -1.54 7.53
CA GLY A 549 -15.01 -1.23 8.82
C GLY A 549 -13.52 -0.91 8.81
N ILE A 550 -12.80 -1.35 7.77
CA ILE A 550 -11.32 -1.12 7.68
C ILE A 550 -10.94 0.10 6.78
#